data_8XJF
#
_entry.id   8XJF
#
_cell.length_a   60.060
_cell.length_b   69.740
_cell.length_c   104.320
_cell.angle_alpha   90.00
_cell.angle_beta   90.00
_cell.angle_gamma   90.00
#
_symmetry.space_group_name_H-M   'C 2 2 21'
#
loop_
_entity.id
_entity.type
_entity.pdbx_description
1 polymer 'GCN5-related N-acetyltransferase 8'
2 non-polymer '4-(2-HYDROXYETHYL)-1-PIPERAZINE ETHANESULFONIC ACID'
3 non-polymer GLYCEROL
4 non-polymer 'GAMMA-AMINO-BUTANOIC ACID'
5 non-polymer 'ACETYL COENZYME *A'
6 water water
#
_entity_poly.entity_id   1
_entity_poly.type   'polypeptide(L)'
_entity_poly.pdbx_seq_one_letter_code
;GPLGSMFSRIRLATPSDVPFIHKLIHQMAVFERLTHLFSATESGLASTLFTSRPFQSFTVFLLEVSRSPFPATITSSPSP
DFTPFFKTHNLDLPIDDPESYNFSPDMLNDVVVAGFVLFFPNYSSFLSKPGFYIEDIFVREPYRRKGFGSMLLTAVAKQA
VKMGYGRVEWVVLDWNVNAIKFYEQMGAQILQEWRVCRLTGDALEAFDQVNI
;
_entity_poly.pdbx_strand_id   A
#
# COMPACT_ATOMS: atom_id res chain seq x y z
N GLY A 1 -32.38 7.20 -0.94
CA GLY A 1 -32.40 6.68 0.44
C GLY A 1 -31.00 6.45 0.96
N PRO A 2 -30.89 6.01 2.24
CA PRO A 2 -29.62 6.04 2.97
C PRO A 2 -28.42 5.40 2.26
N LEU A 3 -28.62 4.18 1.74
CA LEU A 3 -27.53 3.42 1.15
C LEU A 3 -27.41 3.72 -0.35
N GLY A 4 -26.21 3.43 -0.87
CA GLY A 4 -25.93 3.54 -2.29
C GLY A 4 -24.92 2.48 -2.74
N SER A 5 -24.87 2.25 -4.06
CA SER A 5 -23.98 1.28 -4.66
C SER A 5 -22.61 1.91 -4.95
N MET A 6 -21.52 1.13 -4.82
CA MET A 6 -20.18 1.63 -5.09
C MET A 6 -19.30 0.52 -5.65
N PHE A 7 -18.49 0.86 -6.66
CA PHE A 7 -17.61 -0.07 -7.34
C PHE A 7 -16.18 0.16 -6.90
N SER A 8 -15.43 -0.94 -6.75
CA SER A 8 -14.03 -0.92 -6.39
C SER A 8 -13.20 -1.72 -7.38
N ARG A 9 -11.94 -1.32 -7.53
CA ARG A 9 -10.99 -2.04 -8.35
C ARG A 9 -9.63 -1.99 -7.66
N ILE A 10 -8.93 -3.14 -7.67
CA ILE A 10 -7.54 -3.20 -7.26
C ILE A 10 -6.70 -3.62 -8.47
N ARG A 11 -5.72 -2.77 -8.81
CA ARG A 11 -4.90 -2.98 -9.99
C ARG A 11 -3.44 -2.68 -9.65
N LEU A 12 -2.52 -3.13 -10.51
CA LEU A 12 -1.12 -2.76 -10.42
C LEU A 12 -0.98 -1.28 -10.76
N ALA A 13 -0.08 -0.57 -10.07
CA ALA A 13 0.24 0.81 -10.44
C ALA A 13 1.17 0.80 -11.64
N THR A 14 1.08 1.86 -12.44
CA THR A 14 2.07 2.14 -13.48
C THR A 14 2.81 3.39 -13.03
N PRO A 15 3.94 3.72 -13.70
CA PRO A 15 4.67 4.96 -13.39
C PRO A 15 3.80 6.21 -13.48
N SER A 16 2.72 6.16 -14.29
CA SER A 16 1.81 7.28 -14.43
C SER A 16 1.05 7.54 -13.13
N ASP A 17 1.05 6.59 -12.20
CA ASP A 17 0.32 6.73 -10.94
C ASP A 17 1.14 7.43 -9.85
N VAL A 18 2.38 7.83 -10.15
CA VAL A 18 3.31 8.32 -9.15
C VAL A 18 2.74 9.49 -8.34
N PRO A 19 2.05 10.50 -8.93
CA PRO A 19 1.47 11.59 -8.14
C PRO A 19 0.57 11.15 -6.98
N PHE A 20 -0.24 10.11 -7.18
CA PHE A 20 -1.19 9.66 -6.16
C PHE A 20 -0.44 8.85 -5.10
N ILE A 21 0.56 8.06 -5.54
CA ILE A 21 1.39 7.27 -4.64
C ILE A 21 2.12 8.24 -3.72
N HIS A 22 2.67 9.30 -4.31
CA HIS A 22 3.41 10.30 -3.54
C HIS A 22 2.51 10.86 -2.44
N LYS A 23 1.28 11.23 -2.79
CA LYS A 23 0.39 11.89 -1.84
C LYS A 23 -0.02 10.93 -0.73
N LEU A 24 -0.28 9.65 -1.07
CA LEU A 24 -0.63 8.65 -0.09
C LEU A 24 0.51 8.47 0.93
N ILE A 25 1.75 8.40 0.45
CA ILE A 25 2.88 8.22 1.34
C ILE A 25 2.96 9.42 2.29
N HIS A 26 2.74 10.63 1.76
CA HIS A 26 2.73 11.85 2.55
C HIS A 26 1.73 11.74 3.69
N GLN A 27 0.50 11.31 3.38
CA GLN A 27 -0.54 11.19 4.40
C GLN A 27 -0.11 10.19 5.48
N MET A 28 0.67 9.18 5.09
CA MET A 28 1.17 8.20 6.03
C MET A 28 2.22 8.81 6.94
N ALA A 29 3.09 9.64 6.36
CA ALA A 29 4.08 10.34 7.16
C ALA A 29 3.40 11.26 8.18
N VAL A 30 2.28 11.89 7.79
CA VAL A 30 1.53 12.76 8.69
C VAL A 30 0.95 11.90 9.82
N PHE A 31 0.29 10.80 9.46
CA PHE A 31 -0.38 9.95 10.44
C PHE A 31 0.64 9.35 11.42
N GLU A 32 1.82 8.99 10.91
CA GLU A 32 2.86 8.33 11.70
C GLU A 32 3.63 9.32 12.57
N ARG A 33 3.41 10.63 12.36
CA ARG A 33 4.12 11.68 13.07
C ARG A 33 5.60 11.65 12.67
N LEU A 34 5.86 11.35 11.39
CA LEU A 34 7.23 11.19 10.90
C LEU A 34 7.42 12.05 9.65
N THR A 35 6.80 13.23 9.61
CA THR A 35 6.97 14.11 8.46
C THR A 35 8.43 14.56 8.36
N HIS A 36 9.15 14.60 9.49
CA HIS A 36 10.55 14.99 9.47
C HIS A 36 11.41 13.98 8.68
N LEU A 37 10.90 12.75 8.46
CA LEU A 37 11.63 11.80 7.64
C LEU A 37 11.22 11.86 6.16
N PHE A 38 10.18 12.64 5.83
CA PHE A 38 9.60 12.59 4.50
C PHE A 38 10.37 13.49 3.54
N SER A 39 11.14 12.89 2.63
CA SER A 39 11.84 13.63 1.59
C SER A 39 11.55 13.02 0.23
N ALA A 40 10.51 12.22 0.11
CA ALA A 40 10.21 11.57 -1.16
C ALA A 40 9.87 12.61 -2.22
N THR A 41 10.28 12.37 -3.48
CA THR A 41 9.89 13.19 -4.63
C THR A 41 9.14 12.31 -5.62
N GLU A 42 8.36 12.93 -6.51
CA GLU A 42 7.68 12.23 -7.59
C GLU A 42 8.73 11.61 -8.54
N SER A 43 9.76 12.36 -8.93
CA SER A 43 10.78 11.86 -9.83
C SER A 43 11.56 10.68 -9.23
N GLY A 44 11.74 10.69 -7.90
CA GLY A 44 12.37 9.58 -7.20
C GLY A 44 11.56 8.29 -7.27
N LEU A 45 10.26 8.36 -7.01
CA LEU A 45 9.41 7.19 -7.14
C LEU A 45 9.41 6.67 -8.57
N ALA A 46 9.31 7.60 -9.54
CA ALA A 46 9.16 7.23 -10.94
C ALA A 46 10.43 6.53 -11.41
N SER A 47 11.58 6.97 -10.86
CA SER A 47 12.89 6.49 -11.24
C SER A 47 13.27 5.16 -10.57
N THR A 48 12.66 4.77 -9.43
CA THR A 48 13.18 3.66 -8.64
C THR A 48 12.17 2.54 -8.43
N LEU A 49 10.87 2.81 -8.63
CA LEU A 49 9.86 1.84 -8.28
C LEU A 49 9.58 0.84 -9.41
N PHE A 50 9.96 1.18 -10.65
CA PHE A 50 9.46 0.41 -11.79
C PHE A 50 10.62 -0.07 -12.67
N THR A 51 11.74 -0.43 -12.05
CA THR A 51 12.89 -0.86 -12.82
C THR A 51 12.79 -2.36 -13.09
N SER A 52 11.84 -3.07 -12.46
CA SER A 52 11.61 -4.49 -12.74
C SER A 52 10.14 -4.78 -13.06
N ARG A 53 9.91 -6.00 -13.56
CA ARG A 53 8.57 -6.53 -13.74
C ARG A 53 7.86 -6.64 -12.38
N PRO A 54 6.52 -6.54 -12.32
CA PRO A 54 5.77 -6.67 -11.07
C PRO A 54 5.99 -8.01 -10.36
N PHE A 55 6.14 -7.95 -9.03
CA PHE A 55 6.32 -9.12 -8.16
C PHE A 55 7.79 -9.55 -8.12
N GLN A 56 8.59 -9.22 -9.14
CA GLN A 56 10.01 -9.53 -9.14
C GLN A 56 10.76 -8.59 -8.18
N SER A 57 10.21 -7.40 -7.94
CA SER A 57 10.82 -6.41 -7.06
C SER A 57 9.71 -5.49 -6.54
N PHE A 58 10.01 -4.19 -6.38
CA PHE A 58 9.05 -3.24 -5.82
C PHE A 58 7.76 -3.26 -6.64
N THR A 59 6.62 -3.32 -5.96
CA THR A 59 5.33 -3.52 -6.61
C THR A 59 4.30 -2.75 -5.80
N VAL A 60 3.28 -2.22 -6.50
CA VAL A 60 2.24 -1.43 -5.87
C VAL A 60 0.90 -1.90 -6.40
N PHE A 61 -0.05 -2.13 -5.50
CA PHE A 61 -1.46 -2.30 -5.87
C PHE A 61 -2.20 -1.03 -5.48
N LEU A 62 -3.00 -0.47 -6.39
CA LEU A 62 -3.79 0.70 -6.07
C LEU A 62 -5.24 0.27 -5.88
N LEU A 63 -5.92 0.92 -4.92
CA LEU A 63 -7.36 0.75 -4.80
C LEU A 63 -8.08 1.99 -5.32
N GLU A 64 -8.96 1.79 -6.31
CA GLU A 64 -9.81 2.85 -6.82
C GLU A 64 -11.29 2.55 -6.57
N VAL A 65 -12.08 3.61 -6.37
CA VAL A 65 -13.52 3.47 -6.19
C VAL A 65 -14.24 4.44 -7.11
N SER A 66 -15.53 4.18 -7.31
CA SER A 66 -16.35 4.91 -8.27
C SER A 66 -17.82 4.54 -8.10
N ARG A 67 -18.70 5.48 -8.46
CA ARG A 67 -20.14 5.24 -8.51
C ARG A 67 -20.53 4.62 -9.84
N SER A 68 -19.65 4.72 -10.85
CA SER A 68 -19.87 4.07 -12.13
C SER A 68 -18.94 2.86 -12.21
N PRO A 69 -19.32 1.78 -12.94
CA PRO A 69 -18.48 0.58 -12.96
C PRO A 69 -17.27 0.87 -13.84
N PHE A 70 -16.30 -0.03 -13.81
CA PHE A 70 -15.07 0.16 -14.55
C PHE A 70 -15.23 -0.47 -15.94
N PRO A 71 -14.26 -0.24 -16.86
CA PRO A 71 -14.27 -0.87 -18.18
C PRO A 71 -13.91 -2.35 -18.07
N ALA A 72 -14.23 -3.10 -19.13
CA ALA A 72 -14.22 -4.54 -19.12
C ALA A 72 -12.90 -5.12 -18.59
N THR A 73 -11.90 -5.26 -19.47
CA THR A 73 -10.76 -6.11 -19.19
C THR A 73 -9.46 -5.30 -19.17
N ILE A 74 -9.51 -4.02 -19.58
CA ILE A 74 -8.33 -3.16 -19.76
C ILE A 74 -7.05 -3.98 -19.53
N ASP A 81 0.77 -12.27 -14.67
CA ASP A 81 0.68 -13.04 -13.40
C ASP A 81 -0.42 -12.48 -12.50
N PHE A 82 -1.20 -11.51 -13.02
CA PHE A 82 -2.22 -10.82 -12.22
C PHE A 82 -3.27 -10.18 -13.12
N THR A 83 -4.55 -10.31 -12.72
CA THR A 83 -5.65 -9.54 -13.30
C THR A 83 -6.39 -8.82 -12.17
N PRO A 84 -6.95 -7.61 -12.40
CA PRO A 84 -7.54 -6.82 -11.32
C PRO A 84 -8.70 -7.51 -10.59
N PHE A 85 -8.82 -7.27 -9.29
CA PHE A 85 -10.00 -7.68 -8.53
C PHE A 85 -11.04 -6.56 -8.59
N PHE A 86 -12.31 -6.93 -8.83
CA PHE A 86 -13.41 -5.99 -8.82
C PHE A 86 -14.42 -6.40 -7.75
N LYS A 87 -15.04 -5.42 -7.10
CA LYS A 87 -16.09 -5.71 -6.14
C LYS A 87 -17.10 -4.57 -6.07
N THR A 88 -18.34 -4.95 -5.80
CA THR A 88 -19.44 -4.01 -5.68
C THR A 88 -19.86 -3.97 -4.22
N HIS A 89 -19.92 -2.74 -3.68
CA HIS A 89 -20.25 -2.49 -2.30
C HIS A 89 -21.57 -1.73 -2.22
N ASN A 90 -22.36 -2.04 -1.19
CA ASN A 90 -23.46 -1.20 -0.78
C ASN A 90 -23.05 -0.38 0.44
N LEU A 91 -22.71 0.89 0.20
CA LEU A 91 -22.24 1.78 1.24
C LEU A 91 -23.30 2.84 1.49
N ASP A 92 -23.02 3.74 2.43
CA ASP A 92 -23.97 4.70 2.95
C ASP A 92 -23.85 6.03 2.20
N LEU A 93 -25.03 6.65 1.93
CA LEU A 93 -25.18 7.92 1.22
C LEU A 93 -23.89 8.28 0.48
N PRO A 94 -23.56 9.56 0.17
CA PRO A 94 -22.22 9.85 -0.36
C PRO A 94 -21.16 9.69 0.71
N ILE A 95 -19.91 9.44 0.31
CA ILE A 95 -18.78 9.55 1.20
C ILE A 95 -18.34 11.02 1.22
N ASP A 96 -18.13 11.57 2.43
CA ASP A 96 -17.53 12.88 2.58
C ASP A 96 -16.02 12.78 2.38
N ASP A 97 -15.57 13.18 1.19
CA ASP A 97 -14.17 13.14 0.84
C ASP A 97 -13.74 14.49 0.26
N PRO A 98 -13.34 15.45 1.13
CA PRO A 98 -12.91 16.78 0.69
C PRO A 98 -11.73 16.76 -0.29
N GLU A 99 -10.76 15.86 -0.04
CA GLU A 99 -9.54 15.81 -0.81
C GLU A 99 -9.69 14.98 -2.09
N SER A 100 -10.94 14.69 -2.47
CA SER A 100 -11.25 13.78 -3.57
C SER A 100 -10.56 14.22 -4.86
N TYR A 101 -10.53 15.53 -5.10
CA TYR A 101 -10.00 16.10 -6.33
C TYR A 101 -8.49 15.87 -6.42
N ASN A 102 -7.80 15.83 -5.26
CA ASN A 102 -6.40 15.48 -5.20
C ASN A 102 -6.13 14.04 -5.63
N PHE A 103 -7.13 13.16 -5.60
CA PHE A 103 -6.88 11.75 -5.86
C PHE A 103 -7.69 11.29 -7.05
N SER A 104 -8.08 12.23 -7.93
CA SER A 104 -8.88 11.86 -9.08
C SER A 104 -8.03 11.84 -10.35
N PRO A 105 -7.87 10.67 -11.03
CA PRO A 105 -7.13 10.63 -12.27
C PRO A 105 -7.69 11.48 -13.40
N ASP A 106 -8.97 11.92 -13.33
CA ASP A 106 -9.58 12.56 -14.48
C ASP A 106 -10.73 13.51 -14.14
N MET A 107 -10.66 14.71 -14.77
CA MET A 107 -11.68 15.75 -14.70
C MET A 107 -13.08 15.17 -14.88
N LEU A 108 -13.30 14.44 -15.98
CA LEU A 108 -14.65 14.12 -16.42
C LEU A 108 -15.13 12.84 -15.76
N ASN A 109 -14.58 12.56 -14.59
CA ASN A 109 -14.47 11.20 -14.06
C ASN A 109 -14.68 11.25 -12.55
N ASP A 110 -15.43 10.29 -12.00
CA ASP A 110 -15.57 10.22 -10.56
C ASP A 110 -14.71 9.09 -9.97
N VAL A 111 -13.67 8.63 -10.70
CA VAL A 111 -12.75 7.67 -10.14
C VAL A 111 -11.90 8.38 -9.10
N VAL A 112 -11.62 7.69 -7.99
CA VAL A 112 -10.73 8.20 -6.96
C VAL A 112 -9.88 7.06 -6.40
N VAL A 113 -8.60 7.37 -6.20
CA VAL A 113 -7.71 6.45 -5.53
C VAL A 113 -8.01 6.52 -4.03
N ALA A 114 -8.34 5.38 -3.42
CA ALA A 114 -8.74 5.36 -2.02
C ALA A 114 -7.71 4.70 -1.11
N GLY A 115 -6.70 4.03 -1.69
CA GLY A 115 -5.71 3.32 -0.87
C GLY A 115 -4.69 2.62 -1.76
N PHE A 116 -3.70 1.97 -1.13
CA PHE A 116 -2.66 1.28 -1.85
C PHE A 116 -1.89 0.36 -0.90
N VAL A 117 -1.08 -0.52 -1.51
CA VAL A 117 -0.08 -1.27 -0.77
C VAL A 117 1.16 -1.35 -1.65
N LEU A 118 2.33 -1.14 -1.02
CA LEU A 118 3.62 -1.15 -1.67
C LEU A 118 4.49 -2.22 -1.01
N PHE A 119 5.04 -3.14 -1.81
CA PHE A 119 5.65 -4.34 -1.26
C PHE A 119 6.70 -4.90 -2.20
N PHE A 120 7.46 -5.88 -1.72
CA PHE A 120 8.54 -6.45 -2.49
C PHE A 120 8.97 -7.81 -1.91
N PRO A 121 9.70 -8.64 -2.66
CA PRO A 121 10.20 -9.91 -2.12
C PRO A 121 11.22 -9.71 -1.00
N ASN A 122 11.01 -10.42 0.12
CA ASN A 122 12.01 -10.59 1.16
C ASN A 122 12.37 -12.09 1.22
N TYR A 123 13.17 -12.47 2.20
CA TYR A 123 13.68 -13.82 2.30
C TYR A 123 13.71 -14.26 3.77
N SER A 124 13.06 -15.40 4.05
CA SER A 124 13.21 -16.05 5.34
C SER A 124 14.34 -17.09 5.29
N SER A 125 15.53 -16.69 5.77
CA SER A 125 16.64 -17.57 6.15
C SER A 125 16.19 -18.93 6.67
N PHE A 126 15.31 -18.89 7.67
CA PHE A 126 15.03 -20.06 8.50
C PHE A 126 14.07 -21.01 7.79
N LEU A 127 13.31 -20.49 6.80
CA LEU A 127 12.42 -21.31 5.97
C LEU A 127 13.11 -21.67 4.65
N SER A 128 14.24 -21.04 4.34
CA SER A 128 14.80 -20.98 2.98
C SER A 128 13.68 -20.75 1.97
N LYS A 129 12.88 -19.69 2.19
CA LYS A 129 11.80 -19.35 1.28
C LYS A 129 11.69 -17.85 1.16
N PRO A 130 11.47 -17.33 -0.06
CA PRO A 130 11.15 -15.93 -0.22
C PRO A 130 9.78 -15.70 0.41
N GLY A 131 9.54 -14.42 0.78
CA GLY A 131 8.23 -13.93 1.20
C GLY A 131 7.94 -12.57 0.55
N PHE A 132 6.86 -11.91 0.99
CA PHE A 132 6.66 -10.50 0.65
C PHE A 132 6.76 -9.66 1.92
N TYR A 133 7.41 -8.51 1.82
CA TYR A 133 7.39 -7.51 2.87
C TYR A 133 6.55 -6.32 2.40
N ILE A 134 5.58 -5.89 3.21
CA ILE A 134 4.75 -4.73 2.94
C ILE A 134 5.37 -3.48 3.60
N GLU A 135 5.88 -2.58 2.77
CA GLU A 135 6.44 -1.29 3.19
C GLU A 135 5.32 -0.31 3.56
N ASP A 136 4.22 -0.30 2.77
CA ASP A 136 3.06 0.52 3.05
C ASP A 136 1.76 -0.23 2.77
N ILE A 137 0.80 -0.07 3.67
CA ILE A 137 -0.59 -0.34 3.37
C ILE A 137 -1.42 0.77 4.01
N PHE A 138 -2.36 1.32 3.23
CA PHE A 138 -3.03 2.55 3.66
C PHE A 138 -4.37 2.71 2.96
N VAL A 139 -5.39 3.10 3.73
CA VAL A 139 -6.66 3.55 3.19
C VAL A 139 -6.91 4.97 3.70
N ARG A 140 -7.25 5.89 2.79
CA ARG A 140 -7.56 7.26 3.16
C ARG A 140 -8.76 7.29 4.11
N GLU A 141 -8.76 8.27 5.01
CA GLU A 141 -9.70 8.38 6.13
C GLU A 141 -11.15 8.13 5.70
N PRO A 142 -11.66 8.78 4.62
CA PRO A 142 -13.10 8.72 4.33
C PRO A 142 -13.59 7.29 4.08
N TYR A 143 -12.68 6.38 3.72
CA TYR A 143 -13.05 5.07 3.23
C TYR A 143 -12.72 3.96 4.23
N ARG A 144 -12.31 4.31 5.47
CA ARG A 144 -11.90 3.27 6.42
C ARG A 144 -13.13 2.54 6.97
N ARG A 145 -12.86 1.39 7.60
CA ARG A 145 -13.87 0.54 8.22
C ARG A 145 -14.93 0.06 7.23
N LYS A 146 -14.55 -0.16 5.96
CA LYS A 146 -15.46 -0.70 4.97
C LYS A 146 -14.92 -1.97 4.31
N GLY A 147 -13.84 -2.55 4.85
CA GLY A 147 -13.28 -3.78 4.31
C GLY A 147 -12.14 -3.56 3.31
N PHE A 148 -11.80 -2.31 2.97
CA PHE A 148 -10.84 -2.04 1.89
C PHE A 148 -9.41 -2.46 2.27
N GLY A 149 -9.00 -2.20 3.51
CA GLY A 149 -7.70 -2.68 3.98
C GLY A 149 -7.62 -4.21 3.86
N SER A 150 -8.75 -4.88 4.12
CA SER A 150 -8.82 -6.33 4.06
C SER A 150 -8.53 -6.81 2.63
N MET A 151 -9.16 -6.15 1.66
CA MET A 151 -9.01 -6.53 0.27
C MET A 151 -7.57 -6.32 -0.17
N LEU A 152 -6.94 -5.24 0.31
CA LEU A 152 -5.57 -4.92 -0.07
C LEU A 152 -4.61 -5.99 0.48
N LEU A 153 -4.72 -6.30 1.77
CA LEU A 153 -3.85 -7.31 2.38
C LEU A 153 -4.11 -8.67 1.73
N THR A 154 -5.40 -8.98 1.49
CA THR A 154 -5.78 -10.24 0.87
C THR A 154 -5.09 -10.37 -0.49
N ALA A 155 -4.97 -9.25 -1.24
CA ALA A 155 -4.42 -9.30 -2.58
C ALA A 155 -2.95 -9.76 -2.53
N VAL A 156 -2.19 -9.22 -1.58
CA VAL A 156 -0.78 -9.58 -1.41
C VAL A 156 -0.67 -11.03 -0.88
N ALA A 157 -1.55 -11.42 0.05
CA ALA A 157 -1.48 -12.74 0.66
C ALA A 157 -1.69 -13.83 -0.38
N LYS A 158 -2.79 -13.70 -1.14
CA LYS A 158 -3.07 -14.57 -2.27
C LYS A 158 -1.88 -14.66 -3.22
N GLN A 159 -1.22 -13.54 -3.50
CA GLN A 159 -0.13 -13.59 -4.44
C GLN A 159 0.98 -14.48 -3.86
N ALA A 160 1.21 -14.33 -2.55
CA ALA A 160 2.24 -15.07 -1.85
C ALA A 160 1.94 -16.57 -1.92
N VAL A 161 0.70 -16.94 -1.61
CA VAL A 161 0.36 -18.35 -1.61
C VAL A 161 0.56 -18.89 -3.03
N LYS A 162 0.14 -18.13 -4.04
CA LYS A 162 0.25 -18.53 -5.45
C LYS A 162 1.70 -18.78 -5.85
N MET A 163 2.63 -17.97 -5.34
CA MET A 163 4.03 -18.14 -5.69
C MET A 163 4.75 -19.10 -4.72
N GLY A 164 4.01 -19.63 -3.72
CA GLY A 164 4.54 -20.56 -2.74
C GLY A 164 5.53 -19.90 -1.78
N TYR A 165 5.35 -18.59 -1.50
CA TYR A 165 6.20 -17.88 -0.56
C TYR A 165 5.84 -18.27 0.88
N GLY A 166 6.77 -18.07 1.82
CA GLY A 166 6.63 -18.58 3.17
C GLY A 166 5.90 -17.62 4.11
N ARG A 167 6.11 -16.32 3.93
CA ARG A 167 5.53 -15.34 4.85
C ARG A 167 5.18 -14.03 4.13
N VAL A 168 4.27 -13.25 4.76
CA VAL A 168 4.12 -11.84 4.49
C VAL A 168 4.36 -11.08 5.79
N GLU A 169 5.12 -9.99 5.72
CA GLU A 169 5.55 -9.30 6.92
C GLU A 169 5.55 -7.80 6.67
N TRP A 170 5.55 -7.04 7.78
CA TRP A 170 5.64 -5.59 7.80
C TRP A 170 5.93 -5.16 9.23
N VAL A 171 5.96 -3.85 9.51
CA VAL A 171 6.14 -3.37 10.87
C VAL A 171 4.96 -2.46 11.23
N VAL A 172 4.75 -2.26 12.54
CA VAL A 172 3.70 -1.41 13.07
C VAL A 172 4.29 -0.63 14.23
N LEU A 173 3.80 0.61 14.37
CA LEU A 173 4.19 1.42 15.52
C LEU A 173 3.63 0.81 16.80
N ASP A 174 4.50 0.74 17.81
CA ASP A 174 4.18 0.58 19.22
C ASP A 174 2.73 0.90 19.61
N TRP A 175 2.34 2.13 19.28
CA TRP A 175 1.20 2.76 19.90
C TRP A 175 -0.04 2.59 19.04
N ASN A 176 0.12 2.01 17.85
CA ASN A 176 -0.94 2.11 16.87
C ASN A 176 -1.95 0.98 17.10
N VAL A 177 -2.83 1.22 18.07
CA VAL A 177 -3.82 0.26 18.53
C VAL A 177 -4.77 -0.17 17.40
N ASN A 178 -5.28 0.80 16.63
CA ASN A 178 -6.25 0.50 15.58
C ASN A 178 -5.63 -0.42 14.52
N ALA A 179 -4.42 -0.09 14.04
CA ALA A 179 -3.72 -0.93 13.08
C ALA A 179 -3.50 -2.34 13.64
N ILE A 180 -3.07 -2.42 14.90
CA ILE A 180 -2.74 -3.68 15.53
C ILE A 180 -3.98 -4.60 15.61
N LYS A 181 -5.13 -4.03 15.95
CA LYS A 181 -6.36 -4.79 15.97
C LYS A 181 -6.68 -5.24 14.54
N PHE A 182 -6.48 -4.38 13.55
CA PHE A 182 -6.70 -4.77 12.18
C PHE A 182 -5.82 -5.97 11.84
N TYR A 183 -4.52 -5.88 12.11
CA TYR A 183 -3.57 -6.92 11.72
C TYR A 183 -3.88 -8.25 12.42
N GLU A 184 -4.25 -8.20 13.70
CA GLU A 184 -4.57 -9.40 14.45
C GLU A 184 -5.83 -10.05 13.91
N GLN A 185 -6.79 -9.21 13.52
CA GLN A 185 -8.03 -9.69 12.93
C GLN A 185 -7.73 -10.40 11.60
N MET A 186 -6.69 -9.98 10.88
CA MET A 186 -6.31 -10.63 9.63
C MET A 186 -5.52 -11.91 9.90
N GLY A 187 -5.08 -12.12 11.14
CA GLY A 187 -4.45 -13.37 11.54
C GLY A 187 -2.94 -13.21 11.71
N ALA A 188 -2.45 -11.97 11.67
CA ALA A 188 -1.02 -11.74 11.84
C ALA A 188 -0.65 -11.88 13.32
N GLN A 189 0.60 -12.29 13.58
CA GLN A 189 1.14 -12.22 14.92
C GLN A 189 1.98 -10.95 15.01
N ILE A 190 1.79 -10.21 16.10
CA ILE A 190 2.61 -9.07 16.41
C ILE A 190 3.72 -9.57 17.31
N LEU A 191 4.95 -9.57 16.81
CA LEU A 191 6.10 -10.08 17.55
C LEU A 191 6.68 -8.97 18.43
N GLN A 192 7.06 -9.34 19.66
CA GLN A 192 7.50 -8.37 20.63
C GLN A 192 9.03 -8.27 20.72
N GLU A 193 9.76 -9.24 20.18
CA GLU A 193 11.17 -9.40 20.52
C GLU A 193 12.11 -8.68 19.55
N TRP A 194 11.64 -8.31 18.35
CA TRP A 194 12.48 -7.71 17.32
C TRP A 194 12.44 -6.20 17.40
N ARG A 195 13.61 -5.58 17.17
CA ARG A 195 13.74 -4.14 17.06
C ARG A 195 14.48 -3.84 15.75
N VAL A 196 14.05 -2.78 15.07
CA VAL A 196 14.57 -2.37 13.77
C VAL A 196 15.86 -1.59 14.01
N CYS A 197 16.88 -1.91 13.19
CA CYS A 197 18.16 -1.23 13.20
C CYS A 197 18.41 -0.59 11.84
N ARG A 198 18.94 0.64 11.84
CA ARG A 198 18.98 1.43 10.61
C ARG A 198 20.29 2.21 10.57
N LEU A 199 20.98 2.10 9.44
CA LEU A 199 22.12 2.91 9.11
C LEU A 199 21.71 3.81 7.95
N THR A 200 21.96 5.11 8.08
CA THR A 200 21.47 6.07 7.10
C THR A 200 22.21 7.39 7.29
N GLY A 201 22.14 8.27 6.28
CA GLY A 201 22.67 9.63 6.39
C GLY A 201 24.20 9.63 6.42
N ASP A 202 24.75 10.47 7.28
CA ASP A 202 26.20 10.59 7.41
C ASP A 202 26.78 9.25 7.88
N ALA A 203 26.12 8.61 8.85
CA ALA A 203 26.51 7.28 9.33
C ALA A 203 26.77 6.32 8.16
N LEU A 204 25.86 6.28 7.20
CA LEU A 204 26.02 5.42 6.04
C LEU A 204 27.16 5.92 5.16
N GLU A 205 27.16 7.22 4.87
CA GLU A 205 28.10 7.84 3.92
C GLU A 205 29.54 7.66 4.37
N ALA A 206 29.76 7.72 5.68
CA ALA A 206 31.09 7.57 6.26
C ALA A 206 31.77 6.29 5.76
N PHE A 207 31.00 5.23 5.46
CA PHE A 207 31.59 3.97 5.03
C PHE A 207 32.21 4.07 3.62
N ASP A 208 32.05 5.22 2.93
CA ASP A 208 32.59 5.42 1.60
C ASP A 208 34.10 5.66 1.66
N GLN A 209 34.57 6.21 2.78
CA GLN A 209 35.97 6.54 2.95
C GLN A 209 36.72 5.38 3.59
N VAL A 210 36.05 4.66 4.51
CA VAL A 210 36.62 3.55 5.25
C VAL A 210 37.29 2.58 4.28
N ASN A 211 38.53 2.21 4.62
CA ASN A 211 39.33 1.36 3.77
C ASN A 211 39.55 0.03 4.46
N ILE A 212 38.50 -0.82 4.50
CA ILE A 212 38.65 -2.18 5.01
C ILE A 212 37.61 -3.11 4.36
#